data_2NBZ
#
_entry.id   2NBZ
#
_entity_poly.entity_id   1
_entity_poly.type   'polyribonucleotide'
_entity_poly.pdbx_seq_one_letter_code
;GGGCUCGGUGCACAUGCUUUACAUGUGUUUAGUCGAGCCC
;
_entity_poly.pdbx_strand_id   A
#